data_9BEO
#
_entry.id   9BEO
#
_cell.length_a   74.752
_cell.length_b   74.752
_cell.length_c   156.577
_cell.angle_alpha   90.00
_cell.angle_beta   90.00
_cell.angle_gamma   90.00
#
_symmetry.space_group_name_H-M   'P 43 21 2'
#
loop_
_entity.id
_entity.type
_entity.pdbx_description
1 polymer 'Molybdenum-pterin binding domain-containing protein'
2 non-polymer TUNGSTATE(VI)ION
3 water water
#
_entity_poly.entity_id   1
_entity_poly.type   'polypeptide(L)'
_entity_poly.pdbx_seq_one_letter_code
;MKLSARNQLAGKVVSIKEGAVNGIVVLDIGGGNQISSTISMDSIRELGLQVGSDAYAVIKATSVMIGIDDWSHPQFEK
;
_entity_poly.pdbx_strand_id   A,B,C,D,E,F
#
loop_
_chem_comp.id
_chem_comp.type
_chem_comp.name
_chem_comp.formula
WO4 non-polymer TUNGSTATE(VI)ION 'O4 W -2'
#
# COMPACT_ATOMS: atom_id res chain seq x y z
N MET A 1 7.07 20.11 -4.28
CA MET A 1 7.97 19.03 -3.88
C MET A 1 8.25 18.17 -5.10
N LYS A 2 9.42 17.56 -5.15
CA LYS A 2 9.74 16.53 -6.15
C LYS A 2 9.72 15.19 -5.45
N LEU A 3 8.97 14.23 -5.97
CA LEU A 3 8.63 13.03 -5.21
C LEU A 3 9.27 11.80 -5.86
N SER A 4 9.64 10.84 -5.00
CA SER A 4 10.27 9.61 -5.47
C SER A 4 9.33 8.71 -6.27
N ALA A 5 8.02 8.83 -6.07
CA ALA A 5 7.09 7.91 -6.74
C ALA A 5 7.38 7.83 -8.23
N ARG A 6 7.56 6.61 -8.73
CA ARG A 6 7.91 6.44 -10.13
C ARG A 6 6.76 6.86 -11.05
N ASN A 7 5.52 6.88 -10.54
CA ASN A 7 4.38 7.14 -11.40
C ASN A 7 3.73 8.46 -11.04
N GLN A 8 3.78 9.44 -11.97
CA GLN A 8 3.16 10.76 -11.76
C GLN A 8 2.54 11.12 -13.11
N LEU A 9 1.27 10.78 -13.29
CA LEU A 9 0.65 10.81 -14.61
C LEU A 9 -0.28 11.99 -14.70
N ALA A 10 0.00 12.91 -15.60
CA ALA A 10 -0.85 14.09 -15.74
C ALA A 10 -2.20 13.73 -16.31
N GLY A 11 -3.24 14.40 -15.82
CA GLY A 11 -4.57 14.16 -16.34
C GLY A 11 -5.51 15.25 -15.87
N LYS A 12 -6.73 15.18 -16.34
CA LYS A 12 -7.78 16.14 -15.99
C LYS A 12 -8.83 15.42 -15.17
N VAL A 13 -9.33 16.09 -14.13
CA VAL A 13 -10.36 15.48 -13.29
C VAL A 13 -11.68 15.40 -14.06
N VAL A 14 -12.23 14.19 -14.16
CA VAL A 14 -13.50 14.02 -14.84
C VAL A 14 -14.68 13.82 -13.87
N SER A 15 -14.44 13.36 -12.65
CA SER A 15 -15.51 13.21 -11.67
C SER A 15 -14.89 13.18 -10.28
N ILE A 16 -15.68 13.58 -9.29
CA ILE A 16 -15.30 13.46 -7.88
C ILE A 16 -16.51 12.92 -7.14
N LYS A 17 -16.36 11.75 -6.51
CA LYS A 17 -17.40 11.18 -5.66
C LYS A 17 -17.06 11.52 -4.22
N GLU A 18 -17.87 12.40 -3.64
CA GLU A 18 -17.62 12.88 -2.30
C GLU A 18 -18.31 12.00 -1.28
N GLY A 19 -17.57 11.59 -0.24
CA GLY A 19 -18.18 10.84 0.84
C GLY A 19 -17.99 11.59 2.15
N ALA A 20 -18.07 10.86 3.26
CA ALA A 20 -17.97 11.48 4.57
C ALA A 20 -16.53 11.81 4.94
N VAL A 21 -15.61 10.85 4.84
CA VAL A 21 -14.23 11.17 5.16
C VAL A 21 -13.31 11.01 3.95
N ASN A 22 -13.68 10.15 3.01
CA ASN A 22 -12.91 9.94 1.79
C ASN A 22 -13.74 10.27 0.56
N GLY A 23 -13.05 10.46 -0.57
CA GLY A 23 -13.70 10.58 -1.86
C GLY A 23 -12.91 9.85 -2.93
N ILE A 24 -13.53 9.70 -4.09
CA ILE A 24 -12.89 9.06 -5.23
C ILE A 24 -12.78 10.09 -6.36
N VAL A 25 -11.54 10.35 -6.79
CA VAL A 25 -11.23 11.28 -7.87
C VAL A 25 -10.88 10.45 -9.10
N VAL A 26 -11.50 10.75 -10.23
CA VAL A 26 -11.20 10.04 -11.47
C VAL A 26 -10.48 11.01 -12.40
N LEU A 27 -9.34 10.56 -12.92
CA LEU A 27 -8.47 11.38 -13.75
C LEU A 27 -8.41 10.78 -15.15
N ASP A 28 -8.64 11.60 -16.17
CA ASP A 28 -8.41 11.20 -17.55
C ASP A 28 -6.94 11.49 -17.88
N ILE A 29 -6.14 10.45 -18.06
CA ILE A 29 -4.70 10.64 -18.30
C ILE A 29 -4.36 10.49 -19.78
N GLY A 30 -5.36 10.48 -20.66
CA GLY A 30 -5.08 10.38 -22.08
C GLY A 30 -4.91 8.95 -22.55
N GLY A 31 -4.90 8.81 -23.87
CA GLY A 31 -4.78 7.49 -24.47
C GLY A 31 -5.95 6.58 -24.16
N GLY A 32 -7.10 7.14 -23.83
CA GLY A 32 -8.26 6.36 -23.44
C GLY A 32 -8.21 5.78 -22.05
N ASN A 33 -7.22 6.15 -21.24
CA ASN A 33 -7.07 5.61 -19.89
C ASN A 33 -7.53 6.60 -18.82
N GLN A 34 -8.15 6.07 -17.78
CA GLN A 34 -8.52 6.84 -16.60
C GLN A 34 -7.93 6.15 -15.37
N ILE A 35 -7.66 6.93 -14.33
CA ILE A 35 -7.17 6.42 -13.06
C ILE A 35 -8.07 6.94 -11.93
N SER A 36 -8.50 6.04 -11.06
CA SER A 36 -9.29 6.39 -9.90
C SER A 36 -8.40 6.41 -8.66
N SER A 37 -8.61 7.41 -7.81
CA SER A 37 -7.85 7.66 -6.60
C SER A 37 -8.81 7.81 -5.43
N THR A 38 -8.61 7.03 -4.38
CA THR A 38 -9.41 7.16 -3.15
C THR A 38 -8.55 7.88 -2.12
N ILE A 39 -8.91 9.13 -1.81
CA ILE A 39 -8.12 9.98 -0.91
C ILE A 39 -9.07 10.68 0.05
N SER A 40 -8.50 11.39 1.03
CA SER A 40 -9.33 12.06 2.02
C SER A 40 -10.06 13.26 1.43
N MET A 41 -11.29 13.49 1.93
CA MET A 41 -12.02 14.69 1.56
C MET A 41 -11.25 15.96 1.89
N ASP A 42 -10.53 15.97 3.02
CA ASP A 42 -9.72 17.14 3.38
C ASP A 42 -8.67 17.42 2.31
N SER A 43 -8.02 16.38 1.79
CA SER A 43 -7.05 16.61 0.73
C SER A 43 -7.72 17.11 -0.54
N ILE A 44 -8.91 16.56 -0.86
CA ILE A 44 -9.63 17.03 -2.06
C ILE A 44 -9.94 18.53 -1.94
N ARG A 45 -10.36 18.98 -0.76
CA ARG A 45 -10.64 20.40 -0.57
C ARG A 45 -9.37 21.26 -0.57
N GLU A 46 -8.34 20.82 0.15
CA GLU A 46 -7.12 21.62 0.27
C GLU A 46 -6.43 21.81 -1.07
N LEU A 47 -6.49 20.82 -1.96
CA LEU A 47 -5.92 20.91 -3.30
C LEU A 47 -6.83 21.63 -4.27
N GLY A 48 -8.03 22.01 -3.84
CA GLY A 48 -8.95 22.73 -4.71
C GLY A 48 -9.42 21.96 -5.93
N LEU A 49 -9.49 20.63 -5.83
CA LEU A 49 -9.86 19.83 -6.98
C LEU A 49 -11.30 20.08 -7.39
N GLN A 50 -11.51 20.25 -8.69
CA GLN A 50 -12.83 20.36 -9.32
C GLN A 50 -12.81 19.51 -10.59
N VAL A 51 -14.00 19.15 -11.07
CA VAL A 51 -14.08 18.58 -12.41
C VAL A 51 -13.48 19.57 -13.39
N GLY A 52 -12.54 19.09 -14.21
CA GLY A 52 -11.81 19.94 -15.12
C GLY A 52 -10.44 20.37 -14.63
N SER A 53 -10.16 20.22 -13.33
CA SER A 53 -8.85 20.60 -12.80
C SER A 53 -7.75 19.75 -13.42
N ASP A 54 -6.60 20.38 -13.68
CA ASP A 54 -5.38 19.66 -14.07
C ASP A 54 -4.71 19.08 -12.84
N ALA A 55 -4.32 17.81 -12.90
CA ALA A 55 -3.74 17.18 -11.73
C ALA A 55 -2.82 16.04 -12.19
N TYR A 56 -2.35 15.25 -11.22
CA TYR A 56 -1.50 14.10 -11.47
C TYR A 56 -1.97 12.91 -10.64
N ALA A 57 -1.95 11.73 -11.24
CA ALA A 57 -2.11 10.49 -10.50
C ALA A 57 -0.74 10.03 -10.03
N VAL A 58 -0.53 9.94 -8.73
CA VAL A 58 0.80 9.66 -8.17
C VAL A 58 0.73 8.30 -7.49
N ILE A 59 1.57 7.38 -7.95
CA ILE A 59 1.53 5.98 -7.53
C ILE A 59 2.96 5.50 -7.28
N LYS A 60 3.20 5.01 -6.07
CA LYS A 60 4.50 4.43 -5.74
C LYS A 60 4.65 3.11 -6.50
N ALA A 61 5.87 2.84 -6.98
CA ALA A 61 6.07 1.65 -7.82
C ALA A 61 5.74 0.36 -7.08
N THR A 62 6.00 0.31 -5.76
CA THR A 62 5.68 -0.87 -4.97
C THR A 62 4.19 -1.08 -4.80
N SER A 63 3.35 -0.14 -5.24
CA SER A 63 1.89 -0.30 -5.17
C SER A 63 1.30 -0.88 -6.45
N VAL A 64 2.10 -1.11 -7.49
CA VAL A 64 1.60 -1.51 -8.80
C VAL A 64 1.86 -3.00 -9.01
N MET A 65 0.81 -3.74 -9.31
CA MET A 65 0.89 -5.14 -9.69
C MET A 65 0.83 -5.25 -11.20
N ILE A 66 1.26 -6.40 -11.71
CA ILE A 66 1.18 -6.71 -13.13
C ILE A 66 0.23 -7.87 -13.32
N GLY A 67 -0.67 -7.74 -14.30
CA GLY A 67 -1.53 -8.83 -14.70
C GLY A 67 -1.33 -9.23 -16.15
N ILE A 68 -1.76 -10.44 -16.51
CA ILE A 68 -1.73 -10.90 -17.89
C ILE A 68 -3.08 -11.55 -18.18
N ASP A 69 -3.39 -11.72 -19.47
CA ASP A 69 -4.64 -12.39 -19.85
C ASP A 69 -4.68 -13.85 -19.43
N ASP A 70 -5.91 -14.34 -19.18
CA ASP A 70 -6.13 -15.68 -18.65
C ASP A 70 -5.55 -16.76 -19.56
N TRP A 71 -5.55 -16.52 -20.86
CA TRP A 71 -5.08 -17.49 -21.85
C TRP A 71 -3.60 -17.33 -22.15
N SER A 72 -2.91 -16.46 -21.41
CA SER A 72 -1.50 -16.20 -21.63
C SER A 72 -0.65 -17.03 -20.69
N MET B 1 -9.14 -14.29 -13.19
CA MET B 1 -9.78 -13.61 -12.08
C MET B 1 -10.22 -12.21 -12.48
N LYS B 2 -11.37 -11.80 -11.93
CA LYS B 2 -11.82 -10.42 -12.01
C LYS B 2 -11.56 -9.75 -10.67
N LEU B 3 -10.92 -8.57 -10.71
CA LEU B 3 -10.36 -7.98 -9.50
C LEU B 3 -11.04 -6.65 -9.16
N SER B 4 -11.10 -6.37 -7.85
CA SER B 4 -11.72 -5.12 -7.40
C SER B 4 -10.91 -3.88 -7.75
N ALA B 5 -9.60 -4.01 -7.97
CA ALA B 5 -8.75 -2.84 -8.22
C ALA B 5 -9.36 -1.95 -9.29
N ARG B 6 -9.54 -0.66 -8.97
CA ARG B 6 -10.19 0.22 -9.92
C ARG B 6 -9.32 0.45 -11.14
N ASN B 7 -8.01 0.27 -11.04
CA ASN B 7 -7.14 0.63 -12.16
C ASN B 7 -6.51 -0.64 -12.72
N GLN B 8 -6.83 -0.96 -13.97
CA GLN B 8 -6.29 -2.13 -14.67
C GLN B 8 -5.98 -1.66 -16.09
N LEU B 9 -4.75 -1.20 -16.30
CA LEU B 9 -4.38 -0.44 -17.50
C LEU B 9 -3.55 -1.31 -18.43
N ALA B 10 -4.07 -1.57 -19.63
CA ALA B 10 -3.36 -2.42 -20.58
C ALA B 10 -2.12 -1.72 -21.14
N GLY B 11 -1.07 -2.50 -21.35
CA GLY B 11 0.15 -1.94 -21.93
C GLY B 11 1.07 -3.03 -22.38
N LYS B 12 2.21 -2.62 -22.94
CA LYS B 12 3.24 -3.55 -23.37
C LYS B 12 4.51 -3.32 -22.55
N VAL B 13 5.20 -4.39 -22.18
CA VAL B 13 6.41 -4.26 -21.37
C VAL B 13 7.51 -3.63 -22.21
N VAL B 14 8.06 -2.52 -21.72
CA VAL B 14 9.18 -1.91 -22.43
C VAL B 14 10.53 -2.17 -21.75
N SER B 15 10.56 -2.49 -20.46
CA SER B 15 11.82 -2.86 -19.82
C SER B 15 11.52 -3.69 -18.59
N ILE B 16 12.48 -4.53 -18.21
CA ILE B 16 12.41 -5.28 -16.97
C ILE B 16 13.77 -5.16 -16.30
N LYS B 17 13.80 -4.63 -15.09
CA LYS B 17 15.03 -4.54 -14.32
C LYS B 17 15.04 -5.68 -13.29
N GLU B 18 15.96 -6.60 -13.44
CA GLU B 18 16.04 -7.77 -12.58
C GLU B 18 16.87 -7.41 -11.36
N GLY B 19 16.36 -7.76 -10.17
CA GLY B 19 17.07 -7.55 -8.92
C GLY B 19 17.25 -8.85 -8.19
N ALA B 20 17.39 -8.78 -6.86
CA ALA B 20 17.67 -9.99 -6.09
C ALA B 20 16.39 -10.77 -5.78
N VAL B 21 15.45 -10.12 -5.10
CA VAL B 21 14.14 -10.74 -4.85
C VAL B 21 13.01 -9.99 -5.53
N ASN B 22 13.23 -8.73 -5.92
CA ASN B 22 12.25 -7.93 -6.65
C ASN B 22 12.84 -7.49 -7.99
N GLY B 23 11.92 -7.12 -8.90
CA GLY B 23 12.28 -6.47 -10.14
C GLY B 23 11.33 -5.32 -10.41
N ILE B 24 11.70 -4.51 -11.39
CA ILE B 24 10.88 -3.39 -11.81
C ILE B 24 10.50 -3.55 -13.29
N VAL B 25 9.20 -3.60 -13.54
CA VAL B 25 8.62 -3.77 -14.87
C VAL B 25 8.08 -2.41 -15.30
N VAL B 26 8.42 -1.97 -16.51
CA VAL B 26 7.88 -0.73 -17.06
C VAL B 26 6.94 -1.06 -18.20
N LEU B 27 5.73 -0.52 -18.16
CA LEU B 27 4.68 -0.80 -19.12
C LEU B 27 4.36 0.48 -19.89
N ASP B 28 4.32 0.38 -21.22
CA ASP B 28 3.82 1.47 -22.06
C ASP B 28 2.31 1.32 -22.16
N ILE B 29 1.56 2.24 -21.55
CA ILE B 29 0.10 2.13 -21.53
C ILE B 29 -0.56 3.05 -22.56
N GLY B 30 0.21 3.65 -23.46
CA GLY B 30 -0.36 4.51 -24.48
C GLY B 30 -0.52 5.93 -23.99
N GLY B 31 -0.80 6.83 -24.94
CA GLY B 31 -0.92 8.23 -24.59
C GLY B 31 0.35 8.87 -24.09
N GLY B 32 1.51 8.31 -24.43
CA GLY B 32 2.76 8.84 -23.92
C GLY B 32 3.04 8.51 -22.48
N ASN B 33 2.26 7.63 -21.87
CA ASN B 33 2.38 7.28 -20.46
C ASN B 33 3.03 5.93 -20.26
N GLN B 34 3.87 5.84 -19.23
CA GLN B 34 4.46 4.59 -18.80
C GLN B 34 4.18 4.43 -17.32
N ILE B 35 4.09 3.17 -16.88
CA ILE B 35 3.91 2.87 -15.46
C ILE B 35 4.99 1.89 -15.03
N SER B 36 5.64 2.19 -13.90
CA SER B 36 6.63 1.31 -13.30
C SER B 36 6.02 0.51 -12.16
N SER B 37 6.38 -0.76 -12.10
CA SER B 37 5.86 -1.70 -11.12
C SER B 37 7.02 -2.45 -10.47
N THR B 38 7.11 -2.40 -9.14
CA THR B 38 8.12 -3.11 -8.37
C THR B 38 7.45 -4.35 -7.75
N ILE B 39 7.78 -5.54 -8.27
CA ILE B 39 7.14 -6.79 -7.87
C ILE B 39 8.21 -7.86 -7.65
N SER B 40 7.80 -9.00 -7.10
CA SER B 40 8.75 -10.07 -6.83
C SER B 40 9.29 -10.67 -8.12
N MET B 41 10.57 -11.05 -8.09
CA MET B 41 11.15 -11.78 -9.22
C MET B 41 10.35 -13.06 -9.52
N ASP B 42 9.86 -13.74 -8.46
CA ASP B 42 9.08 -14.94 -8.68
C ASP B 42 7.85 -14.64 -9.55
N SER B 43 7.16 -13.53 -9.27
CA SER B 43 6.00 -13.20 -10.10
C SER B 43 6.41 -12.83 -11.52
N ILE B 44 7.54 -12.13 -11.68
CA ILE B 44 8.00 -11.83 -13.04
C ILE B 44 8.22 -13.13 -13.82
N ARG B 45 8.81 -14.13 -13.16
CA ARG B 45 9.04 -15.41 -13.84
C ARG B 45 7.73 -16.17 -14.09
N GLU B 46 6.86 -16.25 -13.08
CA GLU B 46 5.62 -17.03 -13.22
C GLU B 46 4.66 -16.45 -14.25
N LEU B 47 4.64 -15.13 -14.41
CA LEU B 47 3.82 -14.51 -15.43
C LEU B 47 4.49 -14.53 -16.80
N GLY B 48 5.70 -15.04 -16.90
CA GLY B 48 6.40 -15.10 -18.18
C GLY B 48 6.68 -13.77 -18.82
N LEU B 49 6.84 -12.71 -18.03
CA LEU B 49 7.01 -11.37 -18.58
C LEU B 49 8.35 -11.21 -19.33
N GLN B 50 8.27 -10.66 -20.52
CA GLN B 50 9.44 -10.26 -21.31
C GLN B 50 9.17 -8.90 -21.92
N VAL B 51 10.24 -8.24 -22.35
CA VAL B 51 10.06 -7.03 -23.14
C VAL B 51 9.22 -7.39 -24.36
N GLY B 52 8.14 -6.64 -24.57
CA GLY B 52 7.19 -6.91 -25.62
C GLY B 52 5.93 -7.66 -25.19
N SER B 53 5.92 -8.25 -23.99
CA SER B 53 4.72 -8.92 -23.49
C SER B 53 3.58 -7.93 -23.33
N ASP B 54 2.35 -8.38 -23.62
CA ASP B 54 1.13 -7.65 -23.28
C ASP B 54 0.78 -7.89 -21.82
N ALA B 55 0.46 -6.83 -21.08
CA ALA B 55 0.18 -7.00 -19.67
C ALA B 55 -0.73 -5.88 -19.21
N TYR B 56 -0.98 -5.83 -17.89
CA TYR B 56 -1.79 -4.79 -17.30
C TYR B 56 -1.09 -4.27 -16.05
N ALA B 57 -1.14 -2.97 -15.86
CA ALA B 57 -0.76 -2.33 -14.60
C ALA B 57 -1.99 -2.26 -13.72
N VAL B 58 -1.92 -2.90 -12.56
CA VAL B 58 -3.08 -3.06 -11.67
C VAL B 58 -2.79 -2.29 -10.39
N ILE B 59 -3.67 -1.35 -10.05
CA ILE B 59 -3.46 -0.44 -8.92
C ILE B 59 -4.78 -0.27 -8.17
N LYS B 60 -4.76 -0.58 -6.88
CA LYS B 60 -5.90 -0.34 -6.01
C LYS B 60 -6.09 1.17 -5.84
N ALA B 61 -7.34 1.60 -5.83
CA ALA B 61 -7.59 3.05 -5.78
C ALA B 61 -7.03 3.68 -4.52
N THR B 62 -7.00 2.94 -3.41
CA THR B 62 -6.47 3.51 -2.18
C THR B 62 -4.96 3.71 -2.23
N SER B 63 -4.31 3.25 -3.29
CA SER B 63 -2.86 3.45 -3.47
C SER B 63 -2.54 4.68 -4.29
N VAL B 64 -3.54 5.36 -4.85
CA VAL B 64 -3.31 6.46 -5.78
C VAL B 64 -3.51 7.77 -5.04
N MET B 65 -2.50 8.63 -5.06
CA MET B 65 -2.58 9.98 -4.57
C MET B 65 -2.82 10.93 -5.73
N ILE B 66 -3.30 12.14 -5.42
CA ILE B 66 -3.46 13.18 -6.42
C ILE B 66 -2.49 14.29 -6.10
N GLY B 67 -1.77 14.75 -7.13
CA GLY B 67 -0.95 15.93 -7.01
C GLY B 67 -1.39 17.02 -7.98
N ILE B 68 -0.99 18.26 -7.71
CA ILE B 68 -1.20 19.38 -8.61
C ILE B 68 0.11 20.18 -8.70
N ASP B 69 0.23 20.97 -9.76
CA ASP B 69 1.41 21.85 -9.91
C ASP B 69 1.46 22.90 -8.79
N MET C 1 -8.13 -12.20 -15.64
CA MET C 1 -6.74 -11.78 -15.51
C MET C 1 -5.99 -12.68 -14.52
N LYS C 2 -4.72 -12.93 -14.77
CA LYS C 2 -3.81 -13.56 -13.81
C LYS C 2 -2.91 -12.48 -13.26
N LEU C 3 -2.70 -12.46 -11.94
CA LEU C 3 -2.08 -11.33 -11.25
C LEU C 3 -0.75 -11.70 -10.59
N SER C 4 0.14 -10.71 -10.50
CA SER C 4 1.44 -10.92 -9.86
C SER C 4 1.32 -11.10 -8.35
N ALA C 5 0.23 -10.63 -7.75
CA ALA C 5 0.08 -10.66 -6.28
C ALA C 5 0.39 -12.04 -5.74
N ARG C 6 1.36 -12.10 -4.81
CA ARG C 6 1.77 -13.41 -4.33
C ARG C 6 0.67 -14.06 -3.50
N ASN C 7 -0.28 -13.27 -2.98
CA ASN C 7 -1.30 -13.84 -2.10
C ASN C 7 -2.66 -13.75 -2.79
N GLN C 8 -3.26 -14.91 -3.07
CA GLN C 8 -4.59 -14.99 -3.69
C GLN C 8 -5.32 -16.14 -2.98
N LEU C 9 -6.07 -15.79 -1.94
CA LEU C 9 -6.59 -16.75 -0.98
C LEU C 9 -8.09 -16.94 -1.20
N ALA C 10 -8.48 -18.16 -1.56
CA ALA C 10 -9.88 -18.46 -1.82
C ALA C 10 -10.67 -18.42 -0.52
N GLY C 11 -11.89 -17.93 -0.60
CA GLY C 11 -12.73 -17.89 0.59
C GLY C 11 -14.16 -17.58 0.24
N LYS C 12 -14.99 -17.57 1.27
CA LYS C 12 -16.40 -17.22 1.13
C LYS C 12 -16.71 -15.93 1.87
N VAL C 13 -17.52 -15.07 1.25
CA VAL C 13 -17.92 -13.82 1.89
C VAL C 13 -18.83 -14.12 3.07
N VAL C 14 -18.47 -13.62 4.26
CA VAL C 14 -19.33 -13.77 5.44
C VAL C 14 -20.04 -12.48 5.84
N SER C 15 -19.50 -11.31 5.48
CA SER C 15 -20.19 -10.07 5.82
C SER C 15 -19.70 -8.97 4.90
N ILE C 16 -20.57 -7.97 4.70
CA ILE C 16 -20.25 -6.76 3.97
C ILE C 16 -20.81 -5.59 4.76
N LYS C 17 -19.94 -4.67 5.18
CA LYS C 17 -20.33 -3.43 5.83
C LYS C 17 -20.26 -2.30 4.80
N GLU C 18 -21.40 -1.69 4.49
CA GLU C 18 -21.44 -0.67 3.44
C GLU C 18 -21.18 0.73 3.96
N GLY C 19 -20.38 1.49 3.20
CA GLY C 19 -20.16 2.90 3.53
C GLY C 19 -20.54 3.82 2.38
N ALA C 20 -20.00 5.04 2.38
CA ALA C 20 -20.33 6.03 1.37
C ALA C 20 -19.55 5.78 0.08
N VAL C 21 -18.22 5.69 0.18
CA VAL C 21 -17.41 5.35 -0.98
C VAL C 21 -16.69 4.02 -0.83
N ASN C 22 -16.43 3.54 0.38
CA ASN C 22 -15.81 2.24 0.61
C ASN C 22 -16.73 1.35 1.44
N GLY C 23 -16.48 0.05 1.38
CA GLY C 23 -17.09 -0.91 2.27
C GLY C 23 -16.03 -1.89 2.73
N ILE C 24 -16.40 -2.70 3.72
CA ILE C 24 -15.47 -3.68 4.26
C ILE C 24 -16.07 -5.07 4.07
N VAL C 25 -15.35 -5.91 3.34
CA VAL C 25 -15.74 -7.29 3.04
C VAL C 25 -14.93 -8.22 3.93
N VAL C 26 -15.59 -9.16 4.59
CA VAL C 26 -14.90 -10.17 5.38
C VAL C 26 -15.02 -11.51 4.66
N LEU C 27 -13.88 -12.18 4.46
CA LEU C 27 -13.79 -13.44 3.75
C LEU C 27 -13.31 -14.53 4.70
N ASP C 28 -14.06 -15.62 4.76
CA ASP C 28 -13.64 -16.82 5.50
C ASP C 28 -12.78 -17.63 4.55
N ILE C 29 -11.49 -17.73 4.84
CA ILE C 29 -10.57 -18.44 3.95
C ILE C 29 -10.26 -19.84 4.48
N GLY C 30 -11.01 -20.31 5.48
CA GLY C 30 -10.83 -21.62 6.05
C GLY C 30 -9.78 -21.67 7.15
N GLY C 31 -9.79 -22.77 7.89
CA GLY C 31 -8.85 -22.96 8.99
C GLY C 31 -9.03 -21.98 10.13
N GLY C 32 -10.21 -21.38 10.25
CA GLY C 32 -10.41 -20.37 11.27
C GLY C 32 -9.84 -19.01 10.93
N ASN C 33 -9.37 -18.81 9.71
CA ASN C 33 -8.79 -17.53 9.31
C ASN C 33 -9.83 -16.76 8.51
N GLN C 34 -9.97 -15.48 8.82
CA GLN C 34 -10.80 -14.57 8.06
C GLN C 34 -9.92 -13.39 7.66
N ILE C 35 -10.25 -12.77 6.53
CA ILE C 35 -9.51 -11.60 6.06
C ILE C 35 -10.50 -10.47 5.80
N SER C 36 -10.20 -9.28 6.29
CA SER C 36 -11.04 -8.12 6.03
C SER C 36 -10.41 -7.28 4.92
N SER C 37 -11.25 -6.80 4.02
CA SER C 37 -10.82 -6.06 2.84
C SER C 37 -11.60 -4.76 2.76
N THR C 38 -10.89 -3.64 2.72
CA THR C 38 -11.54 -2.33 2.59
C THR C 38 -11.36 -1.87 1.15
N ILE C 39 -12.47 -1.87 0.39
CA ILE C 39 -12.45 -1.60 -1.04
C ILE C 39 -13.60 -0.67 -1.41
N SER C 40 -13.62 -0.23 -2.66
CA SER C 40 -14.65 0.72 -3.08
C SER C 40 -16.01 0.03 -3.07
N MET C 41 -17.04 0.78 -2.67
CA MET C 41 -18.41 0.28 -2.83
C MET C 41 -18.69 -0.06 -4.28
N ASP C 42 -18.11 0.72 -5.20
CA ASP C 42 -18.27 0.47 -6.63
C ASP C 42 -17.78 -0.93 -6.98
N SER C 43 -16.61 -1.33 -6.48
CA SER C 43 -16.11 -2.67 -6.79
C SER C 43 -16.98 -3.75 -6.13
N ILE C 44 -17.46 -3.50 -4.90
CA ILE C 44 -18.32 -4.49 -4.23
C ILE C 44 -19.54 -4.78 -5.07
N ARG C 45 -20.16 -3.75 -5.65
CA ARG C 45 -21.30 -3.97 -6.53
C ARG C 45 -20.89 -4.61 -7.85
N GLU C 46 -19.78 -4.17 -8.46
CA GLU C 46 -19.38 -4.71 -9.75
C GLU C 46 -19.02 -6.18 -9.69
N LEU C 47 -18.45 -6.63 -8.56
CA LEU C 47 -18.12 -8.04 -8.39
C LEU C 47 -19.29 -8.88 -7.91
N GLY C 48 -20.46 -8.25 -7.70
CA GLY C 48 -21.66 -8.96 -7.26
C GLY C 48 -21.55 -9.61 -5.91
N LEU C 49 -20.73 -9.06 -5.01
CA LEU C 49 -20.48 -9.71 -3.73
C LEU C 49 -21.72 -9.71 -2.86
N GLN C 50 -22.02 -10.88 -2.30
CA GLN C 50 -23.07 -11.08 -1.32
C GLN C 50 -22.54 -12.00 -0.24
N VAL C 51 -23.22 -12.05 0.90
CA VAL C 51 -22.91 -13.07 1.88
C VAL C 51 -23.03 -14.43 1.19
N GLY C 52 -21.97 -15.23 1.27
CA GLY C 52 -21.94 -16.52 0.60
C GLY C 52 -21.21 -16.55 -0.73
N SER C 53 -20.89 -15.39 -1.32
CA SER C 53 -20.16 -15.39 -2.58
C SER C 53 -18.79 -16.06 -2.41
N ASP C 54 -18.38 -16.81 -3.41
CA ASP C 54 -17.02 -17.32 -3.49
C ASP C 54 -16.14 -16.23 -4.05
N ALA C 55 -14.98 -16.02 -3.43
CA ALA C 55 -14.10 -14.93 -3.86
C ALA C 55 -12.67 -15.24 -3.43
N TYR C 56 -11.79 -14.26 -3.62
CA TYR C 56 -10.38 -14.35 -3.25
C TYR C 56 -9.95 -13.07 -2.56
N ALA C 57 -9.17 -13.22 -1.50
CA ALA C 57 -8.44 -12.10 -0.91
C ALA C 57 -7.10 -11.99 -1.62
N VAL C 58 -6.85 -10.85 -2.23
CA VAL C 58 -5.70 -10.64 -3.08
C VAL C 58 -4.83 -9.60 -2.40
N ILE C 59 -3.59 -9.97 -2.09
CA ILE C 59 -2.68 -9.14 -1.31
C ILE C 59 -1.30 -9.18 -1.95
N LYS C 60 -0.79 -8.01 -2.30
CA LYS C 60 0.58 -7.87 -2.80
C LYS C 60 1.55 -8.15 -1.66
N ALA C 61 2.64 -8.85 -1.97
CA ALA C 61 3.55 -9.27 -0.92
C ALA C 61 4.18 -8.08 -0.20
N THR C 62 4.39 -6.96 -0.89
CA THR C 62 4.93 -5.76 -0.25
C THR C 62 3.97 -5.10 0.74
N SER C 63 2.72 -5.55 0.82
CA SER C 63 1.74 -5.06 1.79
C SER C 63 1.71 -5.89 3.07
N VAL C 64 2.44 -7.00 3.10
CA VAL C 64 2.36 -7.94 4.20
C VAL C 64 3.55 -7.69 5.12
N MET C 65 3.25 -7.42 6.39
CA MET C 65 4.23 -7.31 7.45
C MET C 65 4.28 -8.66 8.19
N ILE C 66 5.37 -8.89 8.89
CA ILE C 66 5.51 -10.08 9.74
C ILE C 66 5.52 -9.59 11.17
N GLY C 67 4.70 -10.23 12.02
CA GLY C 67 4.73 -9.97 13.44
C GLY C 67 5.13 -11.22 14.21
N ILE C 68 5.60 -11.06 15.45
CA ILE C 68 5.91 -12.15 16.36
C ILE C 68 5.39 -11.79 17.74
N ASP C 69 5.22 -12.82 18.58
CA ASP C 69 4.85 -12.58 19.96
C ASP C 69 5.99 -11.87 20.70
N ASP C 70 5.63 -10.99 21.62
CA ASP C 70 6.60 -10.25 22.44
C ASP C 70 7.65 -11.17 23.08
N MET D 1 2.17 -2.40 20.19
CA MET D 1 2.02 -3.80 20.61
C MET D 1 0.68 -4.36 20.15
N LYS D 2 -0.42 -3.61 20.29
CA LYS D 2 -1.70 -4.00 19.73
C LYS D 2 -2.02 -3.10 18.53
N LEU D 3 -2.34 -3.71 17.39
CA LEU D 3 -2.34 -2.95 16.14
C LEU D 3 -3.72 -2.90 15.51
N SER D 4 -3.99 -1.79 14.79
CA SER D 4 -5.27 -1.62 14.13
C SER D 4 -5.48 -2.56 12.97
N ALA D 5 -4.40 -3.08 12.37
CA ALA D 5 -4.51 -3.93 11.19
C ALA D 5 -5.53 -5.03 11.40
N ARG D 6 -6.53 -5.10 10.51
CA ARG D 6 -7.59 -6.09 10.71
C ARG D 6 -7.11 -7.52 10.52
N ASN D 7 -5.99 -7.73 9.82
CA ASN D 7 -5.58 -9.08 9.49
C ASN D 7 -4.28 -9.42 10.21
N GLN D 8 -4.34 -10.39 11.12
CA GLN D 8 -3.13 -10.80 11.87
C GLN D 8 -3.22 -12.33 11.98
N LEU D 9 -2.63 -13.02 11.01
CA LEU D 9 -2.87 -14.44 10.78
C LEU D 9 -1.66 -15.24 11.23
N ALA D 10 -1.84 -16.08 12.24
CA ALA D 10 -0.74 -16.85 12.79
C ALA D 10 -0.26 -17.91 11.80
N GLY D 11 1.04 -18.15 11.80
CA GLY D 11 1.60 -19.16 10.93
C GLY D 11 3.03 -19.46 11.30
N LYS D 12 3.61 -20.42 10.58
CA LYS D 12 5.01 -20.78 10.78
C LYS D 12 5.81 -20.43 9.54
N VAL D 13 7.03 -19.92 9.76
CA VAL D 13 7.90 -19.60 8.63
C VAL D 13 8.32 -20.89 7.94
N VAL D 14 8.03 -20.98 6.64
CA VAL D 14 8.49 -22.14 5.89
C VAL D 14 9.69 -21.82 5.01
N SER D 15 9.89 -20.55 4.64
CA SER D 15 11.04 -20.22 3.82
C SER D 15 11.37 -18.74 3.98
N ILE D 16 12.65 -18.41 3.81
CA ILE D 16 13.11 -17.03 3.77
C ILE D 16 14.09 -16.92 2.61
N LYS D 17 13.76 -16.10 1.62
CA LYS D 17 14.65 -15.84 0.51
C LYS D 17 15.31 -14.48 0.74
N GLU D 18 16.63 -14.47 0.88
CA GLU D 18 17.35 -13.25 1.20
C GLU D 18 17.65 -12.47 -0.06
N GLY D 19 17.43 -11.17 0.00
CA GLY D 19 17.77 -10.30 -1.11
C GLY D 19 18.81 -9.30 -0.67
N ALA D 20 18.87 -8.15 -1.34
CA ALA D 20 19.89 -7.15 -1.01
C ALA D 20 19.49 -6.31 0.20
N VAL D 21 18.36 -5.63 0.11
CA VAL D 21 17.80 -4.87 1.22
C VAL D 21 16.46 -5.44 1.69
N ASN D 22 15.80 -6.26 0.88
CA ASN D 22 14.55 -6.92 1.24
C ASN D 22 14.73 -8.43 1.18
N GLY D 23 13.82 -9.13 1.86
CA GLY D 23 13.70 -10.56 1.70
C GLY D 23 12.24 -10.92 1.62
N ILE D 24 11.98 -12.17 1.23
CA ILE D 24 10.61 -12.66 1.15
C ILE D 24 10.44 -13.82 2.13
N VAL D 25 9.50 -13.64 3.06
CA VAL D 25 9.18 -14.62 4.09
C VAL D 25 7.88 -15.29 3.68
N VAL D 26 7.84 -16.62 3.71
CA VAL D 26 6.62 -17.37 3.43
C VAL D 26 6.14 -18.01 4.71
N LEU D 27 4.87 -17.80 5.04
CA LEU D 27 4.26 -18.27 6.27
C LEU D 27 3.18 -19.28 5.92
N ASP D 28 3.21 -20.44 6.56
CA ASP D 28 2.12 -21.41 6.46
C ASP D 28 1.09 -21.02 7.51
N ILE D 29 -0.10 -20.59 7.05
CA ILE D 29 -1.12 -20.12 7.97
C ILE D 29 -2.20 -21.18 8.21
N GLY D 30 -2.01 -22.39 7.72
CA GLY D 30 -2.97 -23.44 7.92
C GLY D 30 -4.09 -23.43 6.90
N GLY D 31 -4.84 -24.52 6.89
CA GLY D 31 -5.90 -24.66 5.90
C GLY D 31 -5.39 -24.76 4.49
N GLY D 32 -4.13 -25.17 4.30
CA GLY D 32 -3.53 -25.24 2.98
C GLY D 32 -3.11 -23.92 2.38
N ASN D 33 -3.18 -22.83 3.15
CA ASN D 33 -2.82 -21.50 2.65
C ASN D 33 -1.46 -21.05 3.17
N GLN D 34 -0.72 -20.38 2.29
CA GLN D 34 0.54 -19.73 2.58
C GLN D 34 0.43 -18.25 2.24
N ILE D 35 1.18 -17.42 2.96
CA ILE D 35 1.23 -15.99 2.70
C ILE D 35 2.68 -15.59 2.51
N SER D 36 2.96 -14.83 1.45
CA SER D 36 4.29 -14.31 1.17
C SER D 36 4.36 -12.85 1.59
N SER D 37 5.47 -12.47 2.21
CA SER D 37 5.68 -11.14 2.77
C SER D 37 7.03 -10.61 2.31
N THR D 38 7.03 -9.43 1.70
CA THR D 38 8.26 -8.79 1.25
C THR D 38 8.58 -7.67 2.24
N ILE D 39 9.62 -7.85 3.06
CA ILE D 39 9.96 -6.91 4.12
C ILE D 39 11.47 -6.70 4.12
N SER D 40 11.93 -5.74 4.92
CA SER D 40 13.35 -5.40 4.92
C SER D 40 14.19 -6.52 5.54
N MET D 41 15.40 -6.71 4.99
CA MET D 41 16.35 -7.65 5.59
C MET D 41 16.63 -7.31 7.05
N ASP D 42 16.72 -6.01 7.36
CA ASP D 42 16.93 -5.61 8.75
C ASP D 42 15.82 -6.12 9.65
N SER D 43 14.56 -6.05 9.20
CA SER D 43 13.48 -6.53 10.04
C SER D 43 13.51 -8.05 10.18
N ILE D 44 13.86 -8.76 9.10
CA ILE D 44 13.98 -10.21 9.18
C ILE D 44 15.01 -10.58 10.23
N ARG D 45 16.12 -9.85 10.26
CA ARG D 45 17.15 -10.12 11.27
C ARG D 45 16.69 -9.71 12.67
N GLU D 46 16.11 -8.51 12.81
CA GLU D 46 15.70 -8.01 14.12
C GLU D 46 14.60 -8.84 14.76
N LEU D 47 13.71 -9.42 13.97
CA LEU D 47 12.68 -10.30 14.50
C LEU D 47 13.18 -11.71 14.73
N GLY D 48 14.44 -12.00 14.40
CA GLY D 48 14.98 -13.34 14.60
C GLY D 48 14.29 -14.42 13.80
N LEU D 49 13.75 -14.10 12.63
CA LEU D 49 12.99 -15.07 11.86
C LEU D 49 13.89 -16.18 11.34
N GLN D 50 13.44 -17.42 11.51
CA GLN D 50 14.11 -18.59 10.94
C GLN D 50 13.03 -19.49 10.38
N VAL D 51 13.43 -20.41 9.50
CA VAL D 51 12.50 -21.46 9.11
C VAL D 51 12.02 -22.18 10.35
N GLY D 52 10.71 -22.27 10.53
CA GLY D 52 10.12 -22.83 11.72
C GLY D 52 9.65 -21.81 12.75
N SER D 53 10.05 -20.54 12.64
CA SER D 53 9.61 -19.54 13.60
C SER D 53 8.09 -19.39 13.58
N ASP D 54 7.49 -19.20 14.77
CA ASP D 54 6.10 -18.81 14.87
C ASP D 54 5.96 -17.30 14.65
N ALA D 55 5.03 -16.92 13.79
CA ALA D 55 4.91 -15.51 13.43
C ALA D 55 3.49 -15.24 13.00
N TYR D 56 3.25 -14.02 12.51
CA TYR D 56 1.94 -13.60 12.04
C TYR D 56 2.12 -12.82 10.75
N ALA D 57 1.23 -13.06 9.79
CA ALA D 57 1.11 -12.20 8.62
C ALA D 57 0.16 -11.06 8.99
N VAL D 58 0.65 -9.83 8.90
CA VAL D 58 -0.10 -8.66 9.36
C VAL D 58 -0.39 -7.81 8.13
N ILE D 59 -1.67 -7.57 7.87
CA ILE D 59 -2.13 -6.89 6.65
C ILE D 59 -3.20 -5.88 7.02
N LYS D 60 -2.97 -4.63 6.60
CA LYS D 60 -3.96 -3.57 6.74
C LYS D 60 -5.14 -3.84 5.80
N ALA D 61 -6.36 -3.55 6.26
CA ALA D 61 -7.54 -3.91 5.45
C ALA D 61 -7.56 -3.18 4.11
N THR D 62 -7.05 -1.94 4.08
CA THR D 62 -7.02 -1.17 2.84
C THR D 62 -6.02 -1.73 1.84
N SER D 63 -5.22 -2.71 2.24
CA SER D 63 -4.28 -3.35 1.33
C SER D 63 -4.84 -4.60 0.65
N VAL D 64 -6.05 -5.05 1.02
CA VAL D 64 -6.59 -6.29 0.52
C VAL D 64 -7.62 -5.97 -0.58
N MET D 65 -7.42 -6.56 -1.74
CA MET D 65 -8.40 -6.50 -2.81
C MET D 65 -9.23 -7.77 -2.79
N ILE D 66 -10.38 -7.74 -3.46
CA ILE D 66 -11.23 -8.93 -3.63
C ILE D 66 -11.24 -9.31 -5.10
N GLY D 67 -11.05 -10.59 -5.38
CA GLY D 67 -11.21 -11.11 -6.73
C GLY D 67 -12.31 -12.17 -6.79
N ILE D 68 -12.85 -12.42 -7.98
CA ILE D 68 -13.80 -13.51 -8.19
C ILE D 68 -13.42 -14.25 -9.46
N ASP D 69 -13.91 -15.50 -9.59
CA ASP D 69 -13.67 -16.23 -10.83
C ASP D 69 -14.35 -15.55 -12.02
N ASP D 70 -15.61 -15.12 -11.85
CA ASP D 70 -16.33 -14.40 -12.91
C ASP D 70 -16.40 -15.24 -14.19
N TRP D 71 -16.71 -16.51 -14.04
CA TRP D 71 -16.75 -17.40 -15.20
C TRP D 71 -17.94 -17.11 -16.12
N MET E 1 5.61 19.82 -7.03
CA MET E 1 4.26 19.33 -7.00
C MET E 1 3.75 19.42 -5.57
N LYS E 2 2.45 19.65 -5.43
CA LYS E 2 1.77 19.58 -4.14
C LYS E 2 0.88 18.35 -4.09
N LEU E 3 0.93 17.60 -2.98
CA LEU E 3 0.41 16.24 -2.92
C LEU E 3 -0.73 16.08 -1.94
N SER E 4 -1.62 15.14 -2.24
CA SER E 4 -2.75 14.84 -1.35
C SER E 4 -2.30 14.14 -0.07
N ALA E 5 -1.13 13.48 -0.10
CA ALA E 5 -0.68 12.70 1.05
C ALA E 5 -0.73 13.54 2.32
N ARG E 6 -1.46 13.03 3.31
CA ARG E 6 -1.65 13.78 4.55
C ARG E 6 -0.37 13.88 5.35
N ASN E 7 0.63 13.03 5.09
CA ASN E 7 1.85 13.03 5.89
C ASN E 7 3.04 13.45 5.04
N GLN E 8 3.65 14.59 5.39
CA GLN E 8 4.81 15.14 4.67
C GLN E 8 5.75 15.72 5.73
N LEU E 9 6.72 14.91 6.17
CA LEU E 9 7.51 15.17 7.37
C LEU E 9 8.95 15.52 6.97
N ALA E 10 9.37 16.75 7.29
CA ALA E 10 10.72 17.20 6.94
C ALA E 10 11.78 16.50 7.79
N GLY E 11 12.92 16.20 7.17
CA GLY E 11 14.00 15.57 7.90
C GLY E 11 15.29 15.57 7.09
N LYS E 12 16.34 15.05 7.71
CA LYS E 12 17.64 14.92 7.08
C LYS E 12 18.03 13.45 6.95
N VAL E 13 18.62 13.10 5.80
CA VAL E 13 19.04 11.72 5.56
C VAL E 13 20.22 11.37 6.47
N VAL E 14 20.05 10.34 7.29
CA VAL E 14 21.11 9.82 8.14
C VAL E 14 21.70 8.49 7.67
N SER E 15 21.02 7.75 6.79
CA SER E 15 21.55 6.50 6.27
C SER E 15 20.92 6.18 4.93
N ILE E 16 21.70 5.54 4.06
CA ILE E 16 21.19 4.98 2.81
C ILE E 16 21.81 3.60 2.62
N LYS E 17 20.96 2.57 2.57
CA LYS E 17 21.38 1.21 2.25
C LYS E 17 21.01 0.92 0.81
N GLU E 18 21.99 0.69 -0.04
CA GLU E 18 21.75 0.44 -1.46
C GLU E 18 21.46 -1.03 -1.68
N GLY E 19 20.47 -1.30 -2.55
CA GLY E 19 20.14 -2.66 -2.96
C GLY E 19 20.22 -2.85 -4.47
N ALA E 20 19.50 -3.85 -5.01
CA ALA E 20 19.57 -4.14 -6.44
C ALA E 20 18.62 -3.25 -7.26
N VAL E 21 17.35 -3.27 -6.91
CA VAL E 21 16.36 -2.36 -7.49
C VAL E 21 15.79 -1.38 -6.48
N ASN E 22 15.89 -1.67 -5.17
CA ASN E 22 15.43 -0.79 -4.12
C ASN E 22 16.58 -0.44 -3.19
N GLY E 23 16.39 0.64 -2.43
CA GLY E 23 17.25 0.97 -1.31
C GLY E 23 16.40 1.45 -0.15
N ILE E 24 17.03 1.58 1.01
CA ILE E 24 16.33 2.05 2.19
C ILE E 24 17.01 3.32 2.68
N VAL E 25 16.21 4.39 2.76
CA VAL E 25 16.63 5.71 3.19
C VAL E 25 16.10 5.94 4.59
N VAL E 26 16.96 6.39 5.49
CA VAL E 26 16.52 6.74 6.84
C VAL E 26 16.60 8.25 6.99
N LEU E 27 15.49 8.85 7.42
CA LEU E 27 15.36 10.28 7.60
C LEU E 27 15.14 10.56 9.07
N ASP E 28 15.96 11.41 9.65
CA ASP E 28 15.73 11.89 11.01
C ASP E 28 14.84 13.13 10.91
N ILE E 29 13.62 13.01 11.47
CA ILE E 29 12.62 14.07 11.36
C ILE E 29 12.56 14.92 12.62
N GLY E 30 13.55 14.79 13.51
CA GLY E 30 13.56 15.55 14.74
C GLY E 30 12.79 14.85 15.85
N GLY E 31 12.99 15.35 17.07
CA GLY E 31 12.35 14.75 18.22
C GLY E 31 12.76 13.34 18.53
N GLY E 32 13.91 12.88 18.04
CA GLY E 32 14.31 11.51 18.25
C GLY E 32 13.62 10.48 17.37
N ASN E 33 12.86 10.90 16.37
CA ASN E 33 12.20 9.99 15.46
C ASN E 33 12.93 9.89 14.12
N GLN E 34 13.04 8.66 13.62
CA GLN E 34 13.58 8.43 12.29
C GLN E 34 12.56 7.60 11.53
N ILE E 35 12.47 7.87 10.23
CA ILE E 35 11.55 7.20 9.35
C ILE E 35 12.36 6.52 8.26
N SER E 36 12.08 5.25 8.04
CA SER E 36 12.74 4.46 7.02
C SER E 36 11.83 4.30 5.83
N SER E 37 12.40 4.45 4.64
CA SER E 37 11.68 4.46 3.37
C SER E 37 12.35 3.48 2.41
N THR E 38 11.59 2.54 1.90
CA THR E 38 12.08 1.59 0.91
C THR E 38 11.57 2.04 -0.45
N ILE E 39 12.48 2.55 -1.29
CA ILE E 39 12.13 3.13 -2.59
C ILE E 39 13.12 2.63 -3.64
N SER E 40 12.83 2.91 -4.91
CA SER E 40 13.70 2.44 -5.97
C SER E 40 15.08 3.12 -5.92
N MET E 41 16.10 2.35 -6.30
CA MET E 41 17.43 2.90 -6.49
C MET E 41 17.41 4.06 -7.48
N ASP E 42 16.58 3.96 -8.51
CA ASP E 42 16.47 5.04 -9.48
C ASP E 42 16.01 6.32 -8.82
N SER E 43 15.02 6.26 -7.92
CA SER E 43 14.58 7.46 -7.25
C SER E 43 15.63 8.01 -6.31
N ILE E 44 16.35 7.13 -5.62
CA ILE E 44 17.40 7.60 -4.73
C ILE E 44 18.42 8.41 -5.52
N ARG E 45 18.82 7.91 -6.69
CA ARG E 45 19.79 8.65 -7.51
C ARG E 45 19.16 9.89 -8.13
N GLU E 46 17.94 9.77 -8.67
CA GLU E 46 17.29 10.90 -9.31
C GLU E 46 17.05 12.05 -8.33
N LEU E 47 16.74 11.75 -7.06
CA LEU E 47 16.59 12.82 -6.10
C LEU E 47 17.92 13.27 -5.51
N GLY E 48 19.04 12.67 -5.94
CA GLY E 48 20.36 13.07 -5.45
C GLY E 48 20.56 12.87 -3.97
N LEU E 49 19.91 11.87 -3.38
CA LEU E 49 19.97 11.68 -1.94
C LEU E 49 21.36 11.25 -1.51
N GLN E 50 21.87 11.91 -0.47
CA GLN E 50 23.12 11.55 0.18
C GLN E 50 22.88 11.70 1.67
N VAL E 51 23.75 11.07 2.48
CA VAL E 51 23.73 11.38 3.91
C VAL E 51 23.91 12.88 4.07
N GLY E 52 23.02 13.51 4.81
CA GLY E 52 23.00 14.94 4.98
C GLY E 52 21.97 15.68 4.13
N SER E 53 21.41 15.02 3.11
CA SER E 53 20.40 15.68 2.28
C SER E 53 19.16 16.06 3.08
N ASP E 54 18.59 17.22 2.77
CA ASP E 54 17.29 17.62 3.28
C ASP E 54 16.20 16.96 2.43
N ALA E 55 15.21 16.35 3.07
CA ALA E 55 14.17 15.65 2.30
C ALA E 55 12.91 15.60 3.13
N TYR E 56 11.89 14.89 2.62
CA TYR E 56 10.62 14.73 3.31
C TYR E 56 10.19 13.27 3.22
N ALA E 57 9.65 12.75 4.32
CA ALA E 57 8.98 11.45 4.33
C ALA E 57 7.51 11.68 3.99
N VAL E 58 7.06 11.06 2.90
CA VAL E 58 5.71 11.29 2.39
C VAL E 58 4.93 9.99 2.50
N ILE E 59 3.82 10.03 3.23
CA ILE E 59 3.05 8.83 3.56
C ILE E 59 1.57 9.11 3.37
N LYS E 60 0.91 8.26 2.57
CA LYS E 60 -0.53 8.36 2.37
C LYS E 60 -1.24 7.96 3.65
N ALA E 61 -2.34 8.65 3.97
CA ALA E 61 -3.02 8.38 5.24
C ALA E 61 -3.53 6.94 5.32
N THR E 62 -3.95 6.36 4.20
CA THR E 62 -4.42 4.98 4.20
C THR E 62 -3.30 3.98 4.44
N SER E 63 -2.04 4.41 4.46
CA SER E 63 -0.92 3.53 4.74
C SER E 63 -0.54 3.52 6.22
N VAL E 64 -1.18 4.33 7.05
CA VAL E 64 -0.77 4.46 8.44
C VAL E 64 -1.72 3.66 9.30
N MET E 65 -1.17 2.73 10.08
CA MET E 65 -1.94 2.02 11.10
C MET E 65 -1.74 2.69 12.45
N ILE E 66 -2.62 2.40 13.40
CA ILE E 66 -2.49 2.90 14.76
C ILE E 66 -2.24 1.71 15.68
N GLY E 67 -1.24 1.85 16.55
CA GLY E 67 -1.04 0.85 17.57
C GLY E 67 -1.15 1.45 18.96
N ILE E 68 -1.42 0.62 19.98
CA ILE E 68 -1.43 1.06 21.37
C ILE E 68 -0.70 0.03 22.22
N ASP E 69 -0.28 0.47 23.39
CA ASP E 69 0.32 -0.45 24.38
C ASP E 69 -0.72 -1.44 24.87
N MET F 1 2.27 -7.54 20.25
CA MET F 1 2.96 -8.07 19.09
C MET F 1 4.13 -7.15 18.73
N LYS F 2 5.18 -7.72 18.16
CA LYS F 2 6.28 -6.96 17.59
C LYS F 2 6.27 -7.10 16.07
N LEU F 3 6.43 -5.97 15.38
CA LEU F 3 6.13 -5.88 13.95
C LEU F 3 7.39 -5.56 13.15
N SER F 4 7.41 -6.04 11.91
CA SER F 4 8.50 -5.74 10.98
C SER F 4 8.46 -4.29 10.50
N ALA F 5 7.31 -3.63 10.58
CA ALA F 5 7.20 -2.25 10.09
C ALA F 5 8.28 -1.39 10.71
N ARG F 6 9.10 -0.77 9.86
CA ARG F 6 10.24 -0.01 10.37
C ARG F 6 9.85 1.31 11.03
N ASN F 7 8.61 1.79 10.84
CA ASN F 7 8.23 3.09 11.39
C ASN F 7 7.18 2.90 12.47
N GLN F 8 7.51 3.28 13.70
CA GLN F 8 6.60 3.15 14.85
C GLN F 8 6.79 4.38 15.74
N LEU F 9 5.95 5.40 15.52
CA LEU F 9 6.11 6.75 16.05
C LEU F 9 5.09 7.02 17.16
N ALA F 10 5.56 7.28 18.37
CA ALA F 10 4.67 7.56 19.49
C ALA F 10 3.99 8.92 19.36
N GLY F 11 2.74 9.00 19.83
CA GLY F 11 2.04 10.27 19.83
C GLY F 11 0.75 10.23 20.63
N LYS F 12 0.08 11.38 20.69
CA LYS F 12 -1.23 11.48 21.33
C LYS F 12 -2.30 11.84 20.31
N VAL F 13 -3.47 11.22 20.45
CA VAL F 13 -4.56 11.52 19.53
C VAL F 13 -5.04 12.94 19.77
N VAL F 14 -5.06 13.75 18.71
CA VAL F 14 -5.61 15.11 18.83
C VAL F 14 -7.00 15.23 18.23
N SER F 15 -7.36 14.38 17.27
CA SER F 15 -8.68 14.44 16.68
C SER F 15 -9.02 13.09 16.06
N ILE F 16 -10.32 12.80 15.97
CA ILE F 16 -10.83 11.64 15.24
C ILE F 16 -12.00 12.09 14.40
N LYS F 17 -11.91 11.90 13.08
CA LYS F 17 -13.00 12.20 12.16
C LYS F 17 -13.71 10.89 11.81
N GLU F 18 -14.96 10.78 12.23
CA GLU F 18 -15.72 9.54 12.09
C GLU F 18 -16.46 9.46 10.76
N GLY F 19 -16.40 8.29 10.12
CA GLY F 19 -17.26 8.02 8.98
C GLY F 19 -18.06 6.75 9.23
N ALA F 20 -18.61 6.13 8.18
CA ALA F 20 -19.43 4.95 8.37
C ALA F 20 -18.57 3.70 8.52
N VAL F 21 -17.58 3.52 7.64
CA VAL F 21 -16.69 2.38 7.75
C VAL F 21 -15.26 2.75 8.09
N ASN F 22 -14.79 3.95 7.75
CA ASN F 22 -13.45 4.39 8.13
C ASN F 22 -13.52 5.70 8.90
N GLY F 23 -12.46 5.96 9.67
CA GLY F 23 -12.26 7.25 10.28
C GLY F 23 -10.81 7.68 10.10
N ILE F 24 -10.56 8.96 10.36
CA ILE F 24 -9.21 9.51 10.24
C ILE F 24 -8.77 9.98 11.61
N VAL F 25 -7.68 9.40 12.10
CA VAL F 25 -7.11 9.66 13.42
C VAL F 25 -5.89 10.53 13.20
N VAL F 26 -5.80 11.64 13.93
CA VAL F 26 -4.62 12.50 13.85
C VAL F 26 -3.83 12.38 15.15
N LEU F 27 -2.54 12.11 15.02
CA LEU F 27 -1.64 11.92 16.16
C LEU F 27 -0.61 13.04 16.18
N ASP F 28 -0.48 13.69 17.33
CA ASP F 28 0.60 14.64 17.55
C ASP F 28 1.81 13.83 17.99
N ILE F 29 2.84 13.80 17.14
CA ILE F 29 4.05 13.05 17.46
C ILE F 29 5.14 13.96 18.01
N GLY F 30 4.80 15.22 18.32
CA GLY F 30 5.75 16.18 18.84
C GLY F 30 6.52 16.91 17.76
N GLY F 31 7.22 17.96 18.18
CA GLY F 31 8.00 18.73 17.22
C GLY F 31 7.19 19.43 16.16
N GLY F 32 5.92 19.70 16.44
CA GLY F 32 5.10 20.33 15.43
C GLY F 32 4.66 19.41 14.32
N ASN F 33 4.93 18.11 14.43
CA ASN F 33 4.54 17.14 13.43
C ASN F 33 3.32 16.35 13.86
N GLN F 34 2.42 16.14 12.90
CA GLN F 34 1.24 15.32 13.06
C GLN F 34 1.20 14.25 11.98
N ILE F 35 0.59 13.12 12.32
CA ILE F 35 0.42 12.02 11.39
C ILE F 35 -1.07 11.67 11.32
N SER F 36 -1.60 11.61 10.11
CA SER F 36 -3.00 11.26 9.90
C SER F 36 -3.06 9.82 9.44
N SER F 37 -4.01 9.07 9.98
CA SER F 37 -4.17 7.64 9.75
C SER F 37 -5.62 7.38 9.37
N THR F 38 -5.84 6.76 8.22
CA THR F 38 -7.18 6.38 7.78
C THR F 38 -7.33 4.89 8.03
N ILE F 39 -8.14 4.52 9.03
CA ILE F 39 -8.29 3.13 9.44
C ILE F 39 -9.78 2.85 9.68
N SER F 40 -10.10 1.57 9.85
CA SER F 40 -11.50 1.20 10.02
C SER F 40 -12.07 1.72 11.34
N MET F 41 -13.35 2.11 11.31
CA MET F 41 -14.08 2.47 12.52
C MET F 41 -14.06 1.35 13.55
N ASP F 42 -14.13 0.10 13.09
CA ASP F 42 -14.06 -1.03 14.01
C ASP F 42 -12.75 -1.01 14.78
N SER F 43 -11.62 -0.70 14.11
CA SER F 43 -10.35 -0.62 14.81
C SER F 43 -10.32 0.55 15.79
N ILE F 44 -10.84 1.70 15.37
CA ILE F 44 -10.88 2.84 16.27
C ILE F 44 -11.63 2.49 17.55
N ARG F 45 -12.75 1.77 17.41
CA ARG F 45 -13.50 1.34 18.59
C ARG F 45 -12.74 0.28 19.39
N GLU F 46 -12.17 -0.72 18.72
CA GLU F 46 -11.49 -1.81 19.44
C GLU F 46 -10.26 -1.33 20.18
N LEU F 47 -9.55 -0.34 19.65
CA LEU F 47 -8.39 0.20 20.35
C LEU F 47 -8.76 1.24 21.39
N GLY F 48 -10.04 1.58 21.53
CA GLY F 48 -10.46 2.56 22.51
C GLY F 48 -9.89 3.95 22.29
N LEU F 49 -9.61 4.30 21.04
CA LEU F 49 -8.96 5.57 20.75
C LEU F 49 -9.89 6.72 21.09
N GLN F 50 -9.35 7.71 21.79
CA GLN F 50 -10.05 8.93 22.12
C GLN F 50 -9.12 10.09 21.90
N VAL F 51 -9.69 11.30 21.81
CA VAL F 51 -8.85 12.47 21.91
C VAL F 51 -8.09 12.38 23.23
N GLY F 52 -6.76 12.51 23.15
CA GLY F 52 -5.89 12.38 24.30
C GLY F 52 -5.23 11.03 24.49
N SER F 53 -5.70 9.98 23.79
CA SER F 53 -5.11 8.65 23.94
C SER F 53 -3.66 8.63 23.50
N ASP F 54 -2.85 7.87 24.22
CA ASP F 54 -1.48 7.58 23.79
C ASP F 54 -1.49 6.43 22.79
N ALA F 55 -0.78 6.60 21.68
CA ALA F 55 -0.82 5.59 20.64
C ALA F 55 0.46 5.70 19.80
N TYR F 56 0.50 4.93 18.71
CA TYR F 56 1.63 4.92 17.78
C TYR F 56 1.12 4.95 16.36
N ALA F 57 1.81 5.71 15.50
CA ALA F 57 1.65 5.63 14.06
C ALA F 57 2.61 4.57 13.52
N VAL F 58 2.07 3.55 12.87
CA VAL F 58 2.84 2.40 12.41
C VAL F 58 2.80 2.36 10.88
N ILE F 59 3.97 2.39 10.26
CA ILE F 59 4.10 2.51 8.81
C ILE F 59 5.16 1.56 8.28
N LYS F 60 4.75 0.73 7.31
CA LYS F 60 5.68 -0.15 6.61
C LYS F 60 6.64 0.67 5.75
N ALA F 61 7.91 0.26 5.71
CA ALA F 61 8.91 1.06 5.00
C ALA F 61 8.58 1.21 3.53
N THR F 62 7.98 0.18 2.91
CA THR F 62 7.61 0.26 1.51
C THR F 62 6.45 1.23 1.24
N SER F 63 5.81 1.76 2.28
CA SER F 63 4.72 2.74 2.13
C SER F 63 5.22 4.17 2.18
N VAL F 64 6.51 4.39 2.42
CA VAL F 64 7.04 5.73 2.61
C VAL F 64 7.76 6.15 1.34
N MET F 65 7.37 7.29 0.80
CA MET F 65 8.09 7.91 -0.31
C MET F 65 9.00 9.00 0.24
N ILE F 66 9.98 9.40 -0.55
CA ILE F 66 10.87 10.51 -0.20
C ILE F 66 10.61 11.64 -1.17
N GLY F 67 10.48 12.86 -0.65
CA GLY F 67 10.42 14.04 -1.49
C GLY F 67 11.53 15.02 -1.19
N ILE F 68 11.86 15.92 -2.12
CA ILE F 68 12.82 16.99 -1.87
C ILE F 68 12.28 18.31 -2.41
N ASP F 69 12.86 19.40 -1.91
CA ASP F 69 12.55 20.72 -2.45
C ASP F 69 13.05 20.80 -3.88
N ASP F 70 12.27 21.46 -4.74
CA ASP F 70 12.68 21.65 -6.12
C ASP F 70 12.86 23.13 -6.42
W WO4 G . 9.21 4.64 -5.46
O1 WO4 G . 8.93 6.14 -4.31
O2 WO4 G . 7.87 4.74 -6.98
O3 WO4 G . 9.03 2.90 -4.53
O4 WO4 G . 11.07 4.75 -6.28
W WO4 H . -15.64 6.37 3.75
O1 WO4 H . -15.85 8.37 3.39
O2 WO4 H . -16.01 6.05 5.75
O3 WO4 H . -17.09 5.26 2.82
O4 WO4 H . -13.84 5.48 3.42
W WO4 I . -10.35 -0.97 -4.89
O1 WO4 I . -12.36 -0.84 -5.18
O2 WO4 I . -9.93 -2.88 -4.83
O3 WO4 I . -9.36 -0.05 -6.37
O4 WO4 I . -9.96 -0.06 -3.16
W WO4 J . 15.71 -5.90 -3.69
O1 WO4 J . 13.94 -5.19 -3.08
O2 WO4 J . 16.59 -6.63 -2.02
O3 WO4 J . 15.58 -7.34 -5.07
O4 WO4 J . 16.81 -4.37 -4.37
W WO4 K . 3.94 -9.05 -5.86
O1 WO4 K . 5.07 -7.60 -5.05
O2 WO4 K . 2.88 -9.96 -4.39
O3 WO4 K . 2.63 -8.30 -7.17
O4 WO4 K . 5.19 -10.37 -6.74
W WO4 L . -7.02 -1.06 9.41
O1 WO4 L . -8.65 -0.85 10.64
O2 WO4 L . -6.84 -2.98 8.94
O3 WO4 L . -7.42 -0.02 7.72
O4 WO4 L . -5.37 -0.46 10.35
W WO4 M . -4.46 10.88 1.28
O1 WO4 M . -3.00 10.96 2.67
O2 WO4 M . -5.31 9.05 1.41
O3 WO4 M . -5.81 12.36 1.57
O4 WO4 M . -3.58 11.12 -0.49
W WO4 N . 9.05 -3.50 6.63
O1 WO4 N . 8.84 -1.73 7.31
O2 WO4 N . 10.90 -4.19 7.05
O3 WO4 N . 7.59 -4.65 7.43
O4 WO4 N . 8.93 -3.40 4.63
#